data_5TT7
#
_entry.id   5TT7
#
_cell.length_a   39.815
_cell.length_b   85.204
_cell.length_c   88.912
_cell.angle_alpha   90.000
_cell.angle_beta   90.000
_cell.angle_gamma   90.000
#
_symmetry.space_group_name_H-M   'P 21 21 21'
#
loop_
_entity.id
_entity.type
_entity.pdbx_description
1 polymer 'Tyrosine-protein kinase SYK'
2 non-polymer 2-{[(1R,2S)-2-aminocyclohexyl]amino}-4-[(3-methylphenyl)amino]-6,7-dihydro-5H-pyrrolo[3,4-d]pyrimidin-5-one
3 water water
#
_entity_poly.entity_id   1
_entity_poly.type   'polypeptide(L)'
_entity_poly.pdbx_seq_one_letter_code
;MALEEIRPKEVYLDRKLLTLEDKELGSGNFGTVKKGYYQMKKVVKTVAVKILKNEANDPALKDELLAEANVMQQLDNPYI
VRMIGICEAESWMLVMEMAELGPLNKYLQQNRHVKDKNIIELVHQVSMGMKYLEESNFVHRDLAARNVLLVTQHYAKISD
FGLSKALRADENYYKAQTHGKWPVKWYAPECINYYKFSSKSDVWSFGVLMWEAFSYGQKPYRGMKGSEVTAMLEKGERMG
CPAGCPREMYDLMNLCWTYDVENRPGFAAVELRLRNYYYDVVNHHHHHH
;
_entity_poly.pdbx_strand_id   A
#
# COMPACT_ATOMS: atom_id res chain seq x y z
N ILE A 6 -13.22 14.20 -10.61
CA ILE A 6 -13.49 13.13 -11.62
C ILE A 6 -14.71 13.47 -12.50
N ARG A 7 -14.68 12.99 -13.74
CA ARG A 7 -15.81 13.08 -14.66
C ARG A 7 -16.36 11.67 -14.88
N PRO A 8 -17.43 11.28 -14.13
CA PRO A 8 -18.04 9.94 -14.20
C PRO A 8 -18.24 9.39 -15.61
N LYS A 9 -18.75 10.23 -16.52
CA LYS A 9 -18.91 9.92 -17.96
C LYS A 9 -17.81 9.01 -18.54
N GLU A 10 -16.56 9.36 -18.26
CA GLU A 10 -15.39 8.65 -18.80
C GLU A 10 -15.23 7.22 -18.27
N VAL A 11 -15.57 7.00 -17.00
CA VAL A 11 -15.33 5.71 -16.32
C VAL A 11 -16.59 5.13 -15.65
N TYR A 12 -17.76 5.36 -16.26
CA TYR A 12 -19.03 4.97 -15.65
C TYR A 12 -19.44 3.55 -16.06
N LEU A 13 -19.86 2.76 -15.09
CA LEU A 13 -20.28 1.37 -15.31
C LEU A 13 -21.78 1.21 -15.17
N ASP A 14 -22.29 0.13 -15.77
CA ASP A 14 -23.71 -0.17 -15.80
C ASP A 14 -24.03 -1.11 -14.64
N ARG A 15 -24.89 -0.65 -13.71
CA ARG A 15 -25.29 -1.44 -12.53
C ARG A 15 -25.90 -2.79 -12.92
N LYS A 16 -26.61 -2.85 -14.05
CA LYS A 16 -27.19 -4.09 -14.57
C LYS A 16 -26.15 -5.16 -14.91
N LEU A 17 -24.94 -4.73 -15.27
CA LEU A 17 -23.84 -5.64 -15.59
C LEU A 17 -23.01 -6.06 -14.37
N LEU A 18 -23.30 -5.49 -13.20
CA LEU A 18 -22.61 -5.83 -11.94
C LEU A 18 -23.47 -6.75 -11.07
N THR A 19 -22.88 -7.86 -10.61
CA THR A 19 -23.52 -8.76 -9.64
C THR A 19 -22.65 -8.75 -8.39
N LEU A 20 -23.24 -8.39 -7.25
CA LEU A 20 -22.50 -8.34 -5.98
C LEU A 20 -22.80 -9.56 -5.12
N GLU A 21 -21.77 -10.02 -4.41
CA GLU A 21 -21.88 -11.10 -3.43
C GLU A 21 -22.55 -10.54 -2.17
N ASP A 22 -23.20 -11.41 -1.40
CA ASP A 22 -23.86 -10.99 -0.15
C ASP A 22 -22.85 -10.72 0.97
N LYS A 23 -21.86 -11.61 1.13
CA LYS A 23 -20.82 -11.45 2.15
C LYS A 23 -19.92 -10.24 1.87
N GLU A 24 -19.25 -9.75 2.90
CA GLU A 24 -18.31 -8.65 2.80
C GLU A 24 -16.88 -9.18 2.92
N LEU A 25 -15.95 -8.59 2.16
CA LEU A 25 -14.54 -8.94 2.22
C LEU A 25 -13.85 -8.21 3.38
N GLY A 26 -14.25 -6.97 3.64
CA GLY A 26 -13.67 -6.15 4.69
C GLY A 26 -14.20 -4.73 4.71
N SER A 27 -13.89 -3.99 5.77
CA SER A 27 -14.34 -2.60 5.91
C SER A 27 -13.55 -1.85 6.98
N GLY A 31 -15.75 3.06 3.68
CA GLY A 31 -16.83 2.14 3.18
C GLY A 31 -16.50 0.67 3.34
N THR A 32 -17.35 -0.18 2.75
CA THR A 32 -17.18 -1.66 2.78
C THR A 32 -16.74 -2.22 1.42
N VAL A 33 -15.91 -3.26 1.44
CA VAL A 33 -15.42 -3.91 0.21
C VAL A 33 -16.12 -5.25 0.05
N LYS A 34 -16.70 -5.48 -1.14
CA LYS A 34 -17.40 -6.73 -1.45
C LYS A 34 -16.92 -7.32 -2.76
N LYS A 35 -16.99 -8.66 -2.86
CA LYS A 35 -16.71 -9.36 -4.11
C LYS A 35 -17.89 -9.20 -5.07
N GLY A 36 -17.58 -9.04 -6.36
CA GLY A 36 -18.58 -8.93 -7.41
C GLY A 36 -18.12 -9.49 -8.73
N TYR A 37 -19.01 -9.40 -9.71
CA TYR A 37 -18.81 -9.96 -11.04
C TYR A 37 -19.32 -8.93 -12.04
N TYR A 38 -18.45 -8.49 -12.96
CA TYR A 38 -18.83 -7.51 -13.98
C TYR A 38 -18.77 -8.10 -15.39
N GLN A 39 -19.87 -7.97 -16.13
CA GLN A 39 -19.95 -8.44 -17.51
C GLN A 39 -19.19 -7.46 -18.42
N MET A 40 -17.98 -7.84 -18.83
CA MET A 40 -17.13 -6.99 -19.69
C MET A 40 -17.59 -7.15 -21.14
N LYS A 41 -16.80 -6.66 -22.10
CA LYS A 41 -17.12 -6.79 -23.55
C LYS A 41 -17.54 -8.20 -23.99
N LYS A 42 -16.96 -9.23 -23.36
CA LYS A 42 -17.29 -10.63 -23.67
C LYS A 42 -17.16 -11.54 -22.44
N VAL A 43 -15.98 -11.50 -21.81
CA VAL A 43 -15.73 -12.23 -20.56
C VAL A 43 -16.50 -11.62 -19.39
N VAL A 44 -16.65 -12.40 -18.32
CA VAL A 44 -17.07 -11.87 -17.01
C VAL A 44 -15.80 -11.68 -16.18
N LYS A 45 -15.70 -10.55 -15.48
CA LYS A 45 -14.53 -10.24 -14.67
C LYS A 45 -14.92 -10.18 -13.20
N THR A 46 -14.19 -10.95 -12.39
CA THR A 46 -14.36 -10.93 -10.94
C THR A 46 -13.75 -9.62 -10.44
N VAL A 47 -14.50 -8.89 -9.62
CA VAL A 47 -14.09 -7.57 -9.16
C VAL A 47 -14.26 -7.43 -7.65
N ALA A 48 -13.55 -6.46 -7.10
CA ALA A 48 -13.74 -6.02 -5.71
C ALA A 48 -14.38 -4.64 -5.77
N VAL A 49 -15.43 -4.45 -4.98
CA VAL A 49 -16.26 -3.25 -5.07
C VAL A 49 -16.31 -2.58 -3.70
N LYS A 50 -15.87 -1.33 -3.65
CA LYS A 50 -15.96 -0.50 -2.45
C LYS A 50 -17.29 0.24 -2.49
N ILE A 51 -18.13 0.00 -1.47
CA ILE A 51 -19.48 0.56 -1.38
C ILE A 51 -19.56 1.43 -0.12
N LEU A 52 -20.38 2.48 -0.16
CA LEU A 52 -20.59 3.36 1.01
C LEU A 52 -21.87 3.01 1.75
N LYS A 53 -21.86 3.26 3.07
CA LYS A 53 -23.04 3.12 3.92
C LYS A 53 -23.23 4.40 4.75
N PRO A 59 -22.23 13.43 2.44
CA PRO A 59 -21.57 14.26 1.43
C PRO A 59 -20.04 14.12 1.39
N ALA A 60 -19.40 14.12 2.57
CA ALA A 60 -17.94 14.01 2.67
C ALA A 60 -17.42 12.67 2.16
N LEU A 61 -18.04 11.57 2.62
CA LEU A 61 -17.66 10.21 2.21
C LEU A 61 -17.82 9.94 0.70
N LYS A 62 -18.84 10.55 0.09
CA LYS A 62 -19.02 10.56 -1.38
C LYS A 62 -17.79 11.14 -2.10
N ASP A 63 -17.37 12.34 -1.67
CA ASP A 63 -16.23 13.02 -2.29
C ASP A 63 -14.90 12.28 -2.11
N GLU A 64 -14.72 11.62 -0.96
CA GLU A 64 -13.50 10.84 -0.70
C GLU A 64 -13.39 9.61 -1.61
N LEU A 65 -14.51 8.91 -1.82
CA LEU A 65 -14.54 7.76 -2.75
C LEU A 65 -14.25 8.18 -4.20
N LEU A 66 -14.87 9.29 -4.62
CA LEU A 66 -14.63 9.83 -5.97
C LEU A 66 -13.19 10.32 -6.16
N ALA A 67 -12.62 10.89 -5.10
CA ALA A 67 -11.20 11.30 -5.12
C ALA A 67 -10.28 10.06 -5.24
N GLU A 68 -10.58 9.02 -4.47
CA GLU A 68 -9.87 7.74 -4.57
C GLU A 68 -9.94 7.15 -5.98
N ALA A 69 -11.15 7.13 -6.54
CA ALA A 69 -11.35 6.69 -7.92
C ALA A 69 -10.53 7.51 -8.91
N ASN A 70 -10.50 8.82 -8.70
CA ASN A 70 -9.76 9.74 -9.56
C ASN A 70 -8.25 9.49 -9.57
N VAL A 71 -7.69 9.18 -8.39
CA VAL A 71 -6.28 8.78 -8.30
C VAL A 71 -6.04 7.49 -9.06
N MET A 72 -6.82 6.45 -8.75
CA MET A 72 -6.64 5.12 -9.35
C MET A 72 -6.73 5.15 -10.88
N GLN A 73 -7.65 5.96 -11.40
CA GLN A 73 -7.81 6.18 -12.84
C GLN A 73 -6.52 6.59 -13.56
N GLN A 74 -5.70 7.39 -12.88
CA GLN A 74 -4.48 7.92 -13.47
C GLN A 74 -3.28 6.97 -13.42
N LEU A 75 -3.38 5.91 -12.62
CA LEU A 75 -2.27 4.97 -12.43
C LEU A 75 -2.42 3.74 -13.34
N ASP A 76 -1.30 3.30 -13.88
CA ASP A 76 -1.25 2.21 -14.85
C ASP A 76 0.07 1.48 -14.65
N ASN A 77 0.03 0.45 -13.81
CA ASN A 77 1.21 -0.32 -13.43
C ASN A 77 0.80 -1.74 -13.00
N PRO A 78 1.61 -2.77 -13.37
CA PRO A 78 1.28 -4.14 -12.96
C PRO A 78 1.18 -4.39 -11.45
N TYR A 79 1.85 -3.58 -10.65
CA TYR A 79 1.89 -3.76 -9.19
C TYR A 79 1.00 -2.81 -8.41
N ILE A 80 0.03 -2.22 -9.10
CA ILE A 80 -0.99 -1.37 -8.49
C ILE A 80 -2.37 -1.86 -8.92
N VAL A 81 -3.31 -1.93 -7.99
CA VAL A 81 -4.67 -2.38 -8.27
C VAL A 81 -5.31 -1.41 -9.28
N ARG A 82 -5.86 -1.95 -10.36
CA ARG A 82 -6.49 -1.12 -11.39
C ARG A 82 -7.96 -0.88 -11.04
N MET A 83 -8.43 0.32 -11.33
CA MET A 83 -9.85 0.63 -11.23
C MET A 83 -10.52 0.22 -12.53
N ILE A 84 -11.67 -0.42 -12.41
CA ILE A 84 -12.51 -0.78 -13.57
C ILE A 84 -13.43 0.40 -13.90
N GLY A 85 -14.06 0.96 -12.87
CA GLY A 85 -14.92 2.12 -13.04
C GLY A 85 -15.71 2.42 -11.79
N ILE A 86 -16.68 3.33 -11.93
CA ILE A 86 -17.57 3.74 -10.84
C ILE A 86 -19.03 3.61 -11.26
N CYS A 87 -19.91 3.56 -10.27
CA CYS A 87 -21.34 3.53 -10.48
C CYS A 87 -22.08 4.12 -9.28
N GLU A 88 -23.11 4.92 -9.55
CA GLU A 88 -24.02 5.43 -8.53
C GLU A 88 -25.32 4.62 -8.60
N ALA A 89 -25.50 3.74 -7.61
CA ALA A 89 -26.70 2.92 -7.51
C ALA A 89 -27.25 3.05 -6.07
N GLU A 90 -27.45 1.94 -5.35
CA GLU A 90 -27.83 1.98 -3.92
C GLU A 90 -26.90 2.90 -3.10
N SER A 91 -25.63 2.95 -3.50
CA SER A 91 -24.71 4.02 -3.10
C SER A 91 -23.69 4.21 -4.20
N TRP A 92 -22.74 5.13 -3.99
CA TRP A 92 -21.58 5.22 -4.88
C TRP A 92 -20.73 3.96 -4.68
N MET A 93 -20.24 3.42 -5.79
CA MET A 93 -19.43 2.20 -5.78
C MET A 93 -18.19 2.39 -6.64
N LEU A 94 -17.05 1.92 -6.13
CA LEU A 94 -15.78 1.95 -6.84
C LEU A 94 -15.40 0.50 -7.17
N VAL A 95 -15.43 0.16 -8.45
CA VAL A 95 -15.19 -1.21 -8.92
C VAL A 95 -13.72 -1.35 -9.31
N MET A 96 -13.05 -2.36 -8.74
CA MET A 96 -11.60 -2.57 -8.90
C MET A 96 -11.29 -4.02 -9.24
N GLU A 97 -10.07 -4.28 -9.72
CA GLU A 97 -9.54 -5.64 -9.88
C GLU A 97 -9.64 -6.41 -8.57
N MET A 98 -9.91 -7.71 -8.66
CA MET A 98 -9.99 -8.59 -7.49
C MET A 98 -8.62 -9.23 -7.24
N ALA A 99 -8.13 -9.12 -6.01
CA ALA A 99 -6.94 -9.84 -5.56
C ALA A 99 -7.41 -10.93 -4.61
N GLU A 100 -7.55 -12.15 -5.14
CA GLU A 100 -8.27 -13.25 -4.48
C GLU A 100 -7.67 -13.73 -3.15
N LEU A 101 -6.35 -13.65 -3.01
CA LEU A 101 -5.70 -14.14 -1.78
C LEU A 101 -5.66 -13.11 -0.66
N GLY A 102 -6.05 -11.86 -0.95
CA GLY A 102 -6.30 -10.88 0.08
C GLY A 102 -5.06 -10.19 0.62
N PRO A 103 -5.23 -9.45 1.74
CA PRO A 103 -4.17 -8.63 2.31
C PRO A 103 -2.96 -9.42 2.76
N LEU A 104 -1.78 -8.84 2.54
CA LEU A 104 -0.51 -9.50 2.80
C LEU A 104 -0.32 -9.88 4.26
N ASN A 105 -0.74 -9.00 5.18
CA ASN A 105 -0.55 -9.29 6.61
C ASN A 105 -1.35 -10.52 7.05
N LYS A 106 -2.63 -10.60 6.64
CA LYS A 106 -3.48 -11.75 6.97
C LYS A 106 -2.98 -13.02 6.30
N TYR A 107 -2.49 -12.90 5.07
CA TYR A 107 -1.95 -14.06 4.35
C TYR A 107 -0.76 -14.67 5.08
N LEU A 108 0.20 -13.83 5.46
CA LEU A 108 1.41 -14.32 6.14
C LEU A 108 1.15 -14.84 7.55
N GLN A 109 0.20 -14.23 8.26
CA GLN A 109 -0.29 -14.78 9.55
C GLN A 109 -0.77 -16.23 9.43
N GLN A 110 -1.49 -16.52 8.35
CA GLN A 110 -2.09 -17.84 8.12
C GLN A 110 -1.22 -18.78 7.27
N ASN A 111 -0.08 -18.31 6.77
CA ASN A 111 0.83 -19.11 5.95
C ASN A 111 2.28 -18.91 6.37
N ARG A 112 2.61 -19.42 7.55
CA ARG A 112 3.94 -19.26 8.18
C ARG A 112 5.06 -20.02 7.44
N HIS A 113 4.66 -20.97 6.60
CA HIS A 113 5.60 -21.73 5.74
C HIS A 113 6.22 -20.93 4.59
N VAL A 114 5.69 -19.75 4.28
CA VAL A 114 6.18 -18.92 3.17
C VAL A 114 7.66 -18.58 3.42
N LYS A 115 8.49 -18.76 2.40
CA LYS A 115 9.96 -18.66 2.53
C LYS A 115 10.44 -17.22 2.37
N ASP A 116 11.67 -16.96 2.84
CA ASP A 116 12.35 -15.65 2.73
C ASP A 116 12.32 -15.12 1.30
N LYS A 117 12.74 -15.98 0.37
CA LYS A 117 12.81 -15.63 -1.05
C LYS A 117 11.46 -15.12 -1.55
N ASN A 118 10.39 -15.81 -1.14
CA ASN A 118 9.01 -15.47 -1.51
C ASN A 118 8.61 -14.10 -0.95
N ILE A 119 8.96 -13.83 0.30
CA ILE A 119 8.65 -12.53 0.91
C ILE A 119 9.43 -11.43 0.20
N ILE A 120 10.71 -11.69 -0.11
CA ILE A 120 11.54 -10.72 -0.82
C ILE A 120 10.95 -10.40 -2.20
N GLU A 121 10.46 -11.44 -2.89
CA GLU A 121 9.80 -11.28 -4.19
C GLU A 121 8.63 -10.32 -4.10
N LEU A 122 7.79 -10.51 -3.10
CA LEU A 122 6.58 -9.71 -2.93
C LEU A 122 6.87 -8.27 -2.53
N VAL A 123 7.77 -8.06 -1.57
CA VAL A 123 8.14 -6.69 -1.18
C VAL A 123 8.88 -5.96 -2.31
N HIS A 124 9.63 -6.69 -3.15
CA HIS A 124 10.23 -6.09 -4.33
C HIS A 124 9.16 -5.59 -5.30
N GLN A 125 8.11 -6.39 -5.51
CA GLN A 125 6.98 -5.96 -6.34
C GLN A 125 6.33 -4.69 -5.82
N VAL A 126 6.14 -4.60 -4.51
CA VAL A 126 5.63 -3.39 -3.90
C VAL A 126 6.58 -2.21 -4.21
N SER A 127 7.90 -2.44 -4.09
CA SER A 127 8.89 -1.39 -4.39
C SER A 127 8.85 -0.92 -5.85
N MET A 128 8.56 -1.84 -6.78
CA MET A 128 8.39 -1.46 -8.18
C MET A 128 7.15 -0.59 -8.38
N GLY A 129 6.05 -0.97 -7.73
CA GLY A 129 4.82 -0.16 -7.75
C GLY A 129 5.04 1.24 -7.18
N MET A 130 5.74 1.30 -6.06
CA MET A 130 6.03 2.58 -5.40
C MET A 130 7.01 3.46 -6.17
N LYS A 131 8.02 2.84 -6.79
CA LYS A 131 8.91 3.55 -7.72
C LYS A 131 8.09 4.24 -8.82
N TYR A 132 7.09 3.53 -9.34
CA TYR A 132 6.18 4.08 -10.33
C TYR A 132 5.33 5.22 -9.75
N LEU A 133 4.81 5.01 -8.54
CA LEU A 133 4.00 6.04 -7.88
C LEU A 133 4.81 7.32 -7.64
N GLU A 134 6.05 7.15 -7.18
CA GLU A 134 7.01 8.24 -7.01
C GLU A 134 7.30 8.99 -8.31
N GLU A 135 7.59 8.24 -9.39
CA GLU A 135 7.75 8.83 -10.72
C GLU A 135 6.53 9.64 -11.19
N SER A 136 5.35 9.19 -10.79
CA SER A 136 4.07 9.84 -11.14
C SER A 136 3.68 10.99 -10.21
N ASN A 137 4.47 11.24 -9.17
CA ASN A 137 4.25 12.30 -8.19
C ASN A 137 2.91 12.18 -7.47
N PHE A 138 2.60 10.96 -7.03
CA PHE A 138 1.51 10.68 -6.12
C PHE A 138 2.12 10.20 -4.82
N VAL A 139 1.49 10.56 -3.71
CA VAL A 139 1.86 10.03 -2.39
C VAL A 139 0.74 9.10 -1.94
N HIS A 140 1.11 7.93 -1.43
CA HIS A 140 0.13 6.91 -1.03
C HIS A 140 -0.53 7.27 0.32
N ARG A 141 0.31 7.52 1.33
CA ARG A 141 -0.10 7.94 2.68
C ARG A 141 -0.79 6.88 3.54
N ASP A 142 -0.73 5.62 3.11
CA ASP A 142 -1.29 4.51 3.89
C ASP A 142 -0.64 3.19 3.47
N LEU A 143 0.67 3.23 3.27
CA LEU A 143 1.40 2.08 2.76
C LEU A 143 1.71 1.15 3.93
N ALA A 144 0.99 0.06 3.99
CA ALA A 144 1.11 -0.91 5.08
C ALA A 144 0.76 -2.27 4.52
N ALA A 145 1.13 -3.33 5.23
CA ALA A 145 0.88 -4.70 4.78
C ALA A 145 -0.59 -5.01 4.55
N ARG A 146 -1.48 -4.42 5.34
CA ARG A 146 -2.93 -4.55 5.13
C ARG A 146 -3.42 -4.03 3.76
N ASN A 147 -2.65 -3.12 3.14
CA ASN A 147 -2.99 -2.52 1.84
C ASN A 147 -2.14 -3.01 0.67
N VAL A 148 -1.46 -4.14 0.88
CA VAL A 148 -0.81 -4.88 -0.18
C VAL A 148 -1.64 -6.14 -0.33
N LEU A 149 -2.13 -6.35 -1.55
CA LEU A 149 -3.06 -7.44 -1.82
C LEU A 149 -2.45 -8.44 -2.78
N LEU A 150 -2.70 -9.72 -2.52
CA LEU A 150 -2.11 -10.81 -3.29
C LEU A 150 -3.08 -11.35 -4.33
N VAL A 151 -2.67 -11.25 -5.60
CA VAL A 151 -3.34 -11.90 -6.72
C VAL A 151 -3.02 -13.39 -6.67
N THR A 152 -1.73 -13.70 -6.53
CA THR A 152 -1.27 -15.05 -6.22
C THR A 152 -0.23 -14.96 -5.09
N GLN A 153 0.27 -16.11 -4.67
CA GLN A 153 1.35 -16.18 -3.69
C GLN A 153 2.64 -15.49 -4.17
N HIS A 154 2.75 -15.28 -5.48
CA HIS A 154 3.92 -14.65 -6.10
C HIS A 154 3.60 -13.37 -6.87
N TYR A 155 2.50 -12.72 -6.53
CA TYR A 155 2.09 -11.50 -7.23
C TYR A 155 1.29 -10.58 -6.31
N ALA A 156 1.93 -9.50 -5.88
CA ALA A 156 1.34 -8.50 -4.98
C ALA A 156 1.00 -7.22 -5.74
N LYS A 157 -0.05 -6.55 -5.29
CA LYS A 157 -0.47 -5.25 -5.81
C LYS A 157 -0.75 -4.30 -4.65
N ILE A 158 -0.42 -3.03 -4.85
CA ILE A 158 -0.71 -1.98 -3.89
C ILE A 158 -2.15 -1.52 -4.08
N SER A 159 -2.85 -1.38 -2.96
CA SER A 159 -4.27 -1.03 -2.97
C SER A 159 -4.55 0.11 -2.01
N ASP A 160 -5.83 0.47 -1.90
CA ASP A 160 -6.34 1.37 -0.86
C ASP A 160 -5.76 2.78 -0.93
N PHE A 161 -6.21 3.52 -1.94
CA PHE A 161 -5.73 4.88 -2.21
C PHE A 161 -6.61 5.99 -1.61
N GLY A 162 -7.40 5.67 -0.58
CA GLY A 162 -8.28 6.65 0.08
C GLY A 162 -7.61 7.86 0.72
N LEU A 163 -6.35 7.70 1.13
CA LEU A 163 -5.57 8.83 1.69
C LEU A 163 -4.57 9.43 0.69
N SER A 164 -4.57 8.92 -0.54
CA SER A 164 -3.57 9.23 -1.55
C SER A 164 -3.77 10.64 -2.13
N LYS A 165 -2.68 11.28 -2.52
CA LYS A 165 -2.73 12.64 -3.05
C LYS A 165 -1.84 12.79 -4.29
N ALA A 166 -2.35 13.49 -5.30
CA ALA A 166 -1.53 13.93 -6.43
C ALA A 166 -0.81 15.19 -5.99
N LEU A 167 0.52 15.18 -6.05
CA LEU A 167 1.30 16.35 -5.63
C LEU A 167 1.12 17.51 -6.59
N ARG A 168 1.14 18.74 -6.06
CA ARG A 168 1.12 19.94 -6.88
C ARG A 168 2.35 19.97 -7.77
N ALA A 169 2.23 20.57 -8.96
CA ALA A 169 3.34 20.71 -9.90
C ALA A 169 4.57 21.43 -9.33
N ASP A 170 4.36 22.33 -8.36
CA ASP A 170 5.45 23.12 -7.77
C ASP A 170 6.01 22.63 -6.42
N GLU A 171 5.46 21.55 -5.86
CA GLU A 171 5.88 21.06 -4.54
C GLU A 171 6.15 19.55 -4.54
N ASN A 172 7.10 19.14 -3.71
CA ASN A 172 7.43 17.72 -3.53
C ASN A 172 6.71 17.04 -2.36
N TYR A 173 5.82 17.77 -1.69
CA TYR A 173 5.09 17.21 -0.56
C TYR A 173 3.65 17.71 -0.51
N TYR A 174 2.81 16.94 0.17
CA TYR A 174 1.44 17.33 0.52
C TYR A 174 1.43 17.77 1.98
N LYS A 175 0.95 18.99 2.22
CA LYS A 175 0.82 19.54 3.56
C LYS A 175 -0.61 19.33 4.04
N ALA A 176 -0.79 18.44 5.02
CA ALA A 176 -2.11 18.22 5.62
C ALA A 176 -2.46 19.37 6.56
N GLN A 177 -3.73 19.72 6.61
CA GLN A 177 -4.19 20.87 7.41
C GLN A 177 -4.25 20.55 8.90
N THR A 178 -4.69 19.33 9.24
CA THR A 178 -4.78 18.88 10.63
C THR A 178 -4.42 17.39 10.76
N HIS A 179 -4.20 16.97 12.00
CA HIS A 179 -3.94 15.56 12.32
C HIS A 179 -5.26 14.80 12.36
N GLY A 180 -5.57 14.09 11.28
CA GLY A 180 -6.79 13.27 11.19
C GLY A 180 -6.64 11.90 11.83
N LYS A 181 -7.43 10.95 11.35
CA LYS A 181 -7.31 9.55 11.77
C LYS A 181 -6.19 8.90 10.99
N TRP A 182 -4.98 9.02 11.53
CA TRP A 182 -3.75 8.61 10.83
C TRP A 182 -3.16 7.32 11.42
N PRO A 183 -2.65 6.43 10.54
CA PRO A 183 -1.93 5.23 11.01
C PRO A 183 -0.51 5.62 11.43
N VAL A 184 -0.43 6.19 12.62
CA VAL A 184 0.78 6.86 13.14
C VAL A 184 2.02 5.95 13.16
N LYS A 185 1.82 4.65 13.44
CA LYS A 185 2.92 3.67 13.46
C LYS A 185 3.61 3.45 12.11
N TRP A 186 2.98 3.88 11.02
CA TRP A 186 3.58 3.80 9.69
C TRP A 186 4.13 5.15 9.19
N TYR A 187 3.98 6.20 9.99
CA TYR A 187 4.27 7.56 9.54
C TYR A 187 5.66 8.04 9.93
N ALA A 188 6.31 8.75 9.01
CA ALA A 188 7.66 9.30 9.24
C ALA A 188 7.59 10.45 10.25
N PRO A 189 8.73 10.77 10.91
CA PRO A 189 8.74 11.89 11.86
C PRO A 189 8.20 13.21 11.30
N GLU A 190 8.55 13.54 10.06
CA GLU A 190 8.08 14.78 9.42
C GLU A 190 6.56 14.82 9.17
N CYS A 191 5.93 13.65 8.99
CA CYS A 191 4.47 13.57 8.94
C CYS A 191 3.84 13.95 10.28
N ILE A 192 4.41 13.44 11.36
CA ILE A 192 3.91 13.72 12.71
C ILE A 192 4.22 15.15 13.12
N ASN A 193 5.45 15.61 12.86
CA ASN A 193 5.94 16.90 13.37
C ASN A 193 5.58 18.11 12.51
N TYR A 194 5.51 17.92 11.19
CA TYR A 194 5.25 19.02 10.25
C TYR A 194 4.05 18.79 9.31
N TYR A 195 3.35 17.66 9.44
CA TYR A 195 2.22 17.28 8.56
C TYR A 195 2.59 17.25 7.06
N LYS A 196 3.84 16.90 6.75
CA LYS A 196 4.33 16.89 5.37
C LYS A 196 4.49 15.48 4.87
N PHE A 197 3.88 15.19 3.72
CA PHE A 197 3.85 13.85 3.15
C PHE A 197 4.44 13.88 1.75
N SER A 198 5.49 13.08 1.54
CA SER A 198 6.21 13.00 0.28
C SER A 198 6.43 11.53 -0.07
N SER A 199 7.02 11.29 -1.24
CA SER A 199 7.45 9.92 -1.56
C SER A 199 8.44 9.40 -0.52
N LYS A 200 9.27 10.29 0.06
CA LYS A 200 10.17 9.89 1.15
C LYS A 200 9.41 9.42 2.39
N SER A 201 8.28 10.05 2.72
CA SER A 201 7.43 9.56 3.80
CA SER A 201 7.47 9.54 3.83
C SER A 201 6.88 8.17 3.49
N ASP A 202 6.51 7.95 2.22
CA ASP A 202 6.09 6.62 1.79
C ASP A 202 7.24 5.60 1.94
N VAL A 203 8.48 6.01 1.70
CA VAL A 203 9.64 5.11 1.91
C VAL A 203 9.73 4.67 3.38
N TRP A 204 9.56 5.62 4.31
CA TRP A 204 9.49 5.28 5.74
C TRP A 204 8.45 4.19 5.98
N SER A 205 7.25 4.40 5.44
CA SER A 205 6.14 3.46 5.58
CA SER A 205 6.14 3.47 5.59
C SER A 205 6.49 2.09 5.00
N PHE A 206 7.18 2.10 3.86
CA PHE A 206 7.65 0.88 3.21
C PHE A 206 8.59 0.09 4.11
N GLY A 207 9.45 0.79 4.87
CA GLY A 207 10.26 0.15 5.92
C GLY A 207 9.43 -0.63 6.92
N VAL A 208 8.35 -0.01 7.41
CA VAL A 208 7.47 -0.65 8.38
C VAL A 208 6.78 -1.86 7.72
N LEU A 209 6.31 -1.67 6.49
CA LEU A 209 5.74 -2.76 5.71
C LEU A 209 6.70 -3.95 5.57
N MET A 210 7.96 -3.67 5.24
CA MET A 210 8.98 -4.72 5.20
C MET A 210 9.09 -5.46 6.53
N TRP A 211 9.11 -4.71 7.62
CA TRP A 211 9.16 -5.31 8.95
C TRP A 211 7.94 -6.21 9.19
N GLU A 212 6.75 -5.73 8.84
CA GLU A 212 5.51 -6.53 8.96
C GLU A 212 5.60 -7.84 8.20
N ALA A 213 6.09 -7.75 6.96
CA ALA A 213 6.20 -8.89 6.06
C ALA A 213 7.14 -9.97 6.61
N PHE A 214 8.33 -9.56 7.06
CA PHE A 214 9.29 -10.50 7.63
C PHE A 214 8.95 -10.98 9.04
N SER A 215 8.00 -10.29 9.70
CA SER A 215 7.41 -10.74 10.96
C SER A 215 6.10 -11.51 10.79
N TYR A 216 5.81 -11.97 9.57
CA TYR A 216 4.62 -12.74 9.23
C TYR A 216 3.31 -12.07 9.67
N GLY A 217 3.21 -10.79 9.34
CA GLY A 217 2.03 -9.99 9.61
C GLY A 217 1.81 -9.57 11.05
N GLN A 218 2.85 -9.60 11.88
CA GLN A 218 2.77 -9.04 13.25
C GLN A 218 2.59 -7.52 13.15
N LYS A 219 1.84 -6.95 14.09
CA LYS A 219 1.65 -5.49 14.16
C LYS A 219 2.95 -4.84 14.61
N PRO A 220 3.34 -3.72 13.99
CA PRO A 220 4.55 -3.01 14.42
C PRO A 220 4.40 -2.32 15.78
N TYR A 221 5.52 -2.14 16.49
CA TYR A 221 5.55 -1.44 17.78
C TYR A 221 4.50 -1.97 18.76
N ARG A 222 4.43 -3.29 18.92
CA ARG A 222 3.34 -3.86 19.69
C ARG A 222 3.36 -3.40 21.16
N GLY A 223 2.16 -3.20 21.71
CA GLY A 223 2.00 -2.74 23.08
C GLY A 223 2.31 -1.28 23.35
N MET A 224 2.62 -0.51 22.30
CA MET A 224 3.06 0.88 22.43
C MET A 224 1.99 1.83 21.91
N LYS A 225 1.80 2.95 22.60
CA LYS A 225 0.94 4.02 22.11
C LYS A 225 1.67 4.83 21.06
N GLY A 226 0.91 5.52 20.21
CA GLY A 226 1.46 6.40 19.19
C GLY A 226 2.52 7.37 19.71
N SER A 227 2.24 8.00 20.86
CA SER A 227 3.17 8.95 21.48
C SER A 227 4.45 8.29 21.99
N GLU A 228 4.35 7.03 22.45
CA GLU A 228 5.52 6.25 22.86
C GLU A 228 6.41 5.87 21.67
N VAL A 229 5.80 5.62 20.51
CA VAL A 229 6.54 5.35 19.27
C VAL A 229 7.33 6.58 18.84
N THR A 230 6.67 7.73 18.83
CA THR A 230 7.35 9.00 18.52
C THR A 230 8.54 9.24 19.46
N ALA A 231 8.36 9.01 20.75
CA ALA A 231 9.45 9.14 21.73
C ALA A 231 10.61 8.17 21.47
N MET A 232 10.28 6.91 21.18
CA MET A 232 11.27 5.88 20.80
C MET A 232 12.10 6.29 19.57
N LEU A 233 11.42 6.71 18.52
CA LEU A 233 12.08 7.13 17.27
C LEU A 233 12.99 8.35 17.47
N GLU A 234 12.51 9.30 18.29
CA GLU A 234 13.27 10.51 18.61
C GLU A 234 14.56 10.24 19.40
N LYS A 235 14.62 9.09 20.09
CA LYS A 235 15.85 8.60 20.73
C LYS A 235 16.79 7.81 19.80
N GLY A 236 16.49 7.77 18.50
CA GLY A 236 17.25 6.96 17.55
C GLY A 236 16.95 5.47 17.58
N GLU A 237 15.96 5.04 18.35
CA GLU A 237 15.65 3.61 18.46
C GLU A 237 14.74 3.18 17.33
N ARG A 238 14.96 1.96 16.84
CA ARG A 238 14.14 1.37 15.79
C ARG A 238 13.79 -0.06 16.20
N MET A 239 12.73 -0.58 15.59
CA MET A 239 12.35 -1.98 15.76
C MET A 239 13.50 -2.91 15.39
N GLY A 240 13.65 -3.99 16.15
CA GLY A 240 14.69 -5.01 15.91
C GLY A 240 14.44 -5.88 14.69
N CYS A 241 15.41 -6.73 14.40
CA CYS A 241 15.38 -7.61 13.23
C CYS A 241 14.42 -8.77 13.50
N PRO A 242 13.40 -8.96 12.64
CA PRO A 242 12.52 -10.13 12.85
C PRO A 242 13.26 -11.46 12.77
N ALA A 243 12.79 -12.45 13.51
CA ALA A 243 13.41 -13.78 13.53
C ALA A 243 13.50 -14.33 12.11
N GLY A 244 14.71 -14.76 11.72
CA GLY A 244 14.94 -15.32 10.38
C GLY A 244 14.93 -14.33 9.23
N CYS A 245 14.89 -13.03 9.52
CA CYS A 245 14.94 -12.01 8.48
C CYS A 245 16.40 -11.85 8.03
N PRO A 246 16.68 -11.92 6.71
CA PRO A 246 18.07 -11.70 6.26
C PRO A 246 18.61 -10.34 6.66
N ARG A 247 19.89 -10.29 7.05
CA ARG A 247 20.52 -9.05 7.51
C ARG A 247 20.45 -7.93 6.48
N GLU A 248 20.61 -8.29 5.21
CA GLU A 248 20.54 -7.33 4.11
C GLU A 248 19.18 -6.61 4.05
N MET A 249 18.11 -7.36 4.34
CA MET A 249 16.75 -6.80 4.36
C MET A 249 16.49 -5.93 5.59
N TYR A 250 17.04 -6.31 6.74
CA TYR A 250 16.96 -5.47 7.92
C TYR A 250 17.76 -4.18 7.75
N ASP A 251 18.92 -4.27 7.11
CA ASP A 251 19.71 -3.08 6.78
C ASP A 251 18.90 -2.12 5.88
N LEU A 252 18.17 -2.67 4.91
CA LEU A 252 17.32 -1.85 4.04
C LEU A 252 16.17 -1.20 4.81
N MET A 253 15.50 -1.97 5.67
CA MET A 253 14.48 -1.42 6.59
C MET A 253 15.00 -0.21 7.35
N ASN A 254 16.16 -0.38 7.99
CA ASN A 254 16.80 0.70 8.76
C ASN A 254 17.12 1.93 7.92
N LEU A 255 17.54 1.72 6.68
CA LEU A 255 17.79 2.84 5.77
C LEU A 255 16.49 3.60 5.46
N CYS A 256 15.40 2.87 5.27
CA CYS A 256 14.07 3.49 5.09
C CYS A 256 13.65 4.33 6.30
N TRP A 257 14.11 3.93 7.49
CA TRP A 257 13.83 4.68 8.72
C TRP A 257 14.91 5.72 9.06
N THR A 258 15.50 6.33 8.03
CA THR A 258 16.42 7.46 8.21
C THR A 258 15.59 8.66 8.67
N TYR A 259 15.99 9.27 9.78
CA TYR A 259 15.21 10.36 10.39
C TYR A 259 15.10 11.56 9.46
N ASP A 260 16.24 12.02 8.95
CA ASP A 260 16.30 13.19 8.06
C ASP A 260 15.77 12.82 6.68
N VAL A 261 14.67 13.47 6.29
CA VAL A 261 14.02 13.23 5.00
C VAL A 261 14.96 13.36 3.78
N GLU A 262 15.86 14.34 3.79
CA GLU A 262 16.77 14.56 2.66
C GLU A 262 17.79 13.43 2.47
N ASN A 263 18.25 12.85 3.58
CA ASN A 263 19.20 11.71 3.54
C ASN A 263 18.54 10.33 3.39
N ARG A 264 17.23 10.25 3.60
CA ARG A 264 16.50 9.01 3.39
C ARG A 264 16.46 8.69 1.90
N PRO A 265 16.62 7.41 1.52
CA PRO A 265 16.59 7.06 0.09
C PRO A 265 15.21 7.21 -0.53
N GLY A 266 15.18 7.41 -1.85
CA GLY A 266 13.95 7.34 -2.64
C GLY A 266 13.68 5.91 -3.06
N PHE A 267 12.51 5.69 -3.67
CA PHE A 267 12.13 4.35 -4.14
C PHE A 267 12.99 3.81 -5.29
N ALA A 268 13.57 4.67 -6.10
CA ALA A 268 14.54 4.21 -7.12
C ALA A 268 15.70 3.46 -6.44
N ALA A 269 16.28 4.06 -5.41
CA ALA A 269 17.36 3.44 -4.66
C ALA A 269 16.91 2.17 -3.92
N VAL A 270 15.74 2.25 -3.29
CA VAL A 270 15.19 1.12 -2.55
C VAL A 270 14.91 -0.07 -3.47
N GLU A 271 14.25 0.18 -4.60
CA GLU A 271 13.93 -0.87 -5.57
C GLU A 271 15.19 -1.54 -6.14
N LEU A 272 16.20 -0.76 -6.46
CA LEU A 272 17.46 -1.30 -6.99
C LEU A 272 18.14 -2.24 -6.00
N ARG A 273 18.23 -1.80 -4.74
CA ARG A 273 18.73 -2.65 -3.64
C ARG A 273 17.98 -3.97 -3.50
N LEU A 274 16.65 -3.89 -3.46
CA LEU A 274 15.80 -5.08 -3.37
C LEU A 274 15.92 -6.00 -4.58
N ARG A 275 15.97 -5.38 -5.76
CA ARG A 275 16.10 -6.11 -7.01
C ARG A 275 17.39 -6.93 -7.01
N ASN A 276 18.50 -6.27 -6.67
CA ASN A 276 19.81 -6.94 -6.61
C ASN A 276 19.85 -8.04 -5.56
N TYR A 277 19.30 -7.79 -4.36
CA TYR A 277 19.29 -8.82 -3.32
C TYR A 277 18.40 -10.01 -3.71
N TYR A 278 17.27 -9.74 -4.35
CA TYR A 278 16.39 -10.80 -4.82
C TYR A 278 17.12 -11.75 -5.80
N TYR A 279 17.90 -11.18 -6.72
CA TYR A 279 18.71 -12.01 -7.64
C TYR A 279 19.78 -12.82 -6.91
N ASP A 280 20.40 -12.25 -5.87
CA ASP A 280 21.33 -13.00 -4.99
C ASP A 280 20.66 -14.21 -4.34
N VAL A 281 19.43 -14.02 -3.84
CA VAL A 281 18.71 -15.07 -3.13
C VAL A 281 18.25 -16.15 -4.12
N VAL A 282 17.81 -15.73 -5.30
CA VAL A 282 17.45 -16.67 -6.39
C VAL A 282 18.68 -17.53 -6.75
N ASN A 283 19.86 -16.91 -6.84
CA ASN A 283 21.13 -17.62 -7.04
C ASN A 283 21.39 -18.65 -5.92
N HIS A 284 21.34 -18.19 -4.68
CA HIS A 284 21.59 -19.03 -3.49
C HIS A 284 20.68 -20.28 -3.46
N HIS A 285 19.40 -20.10 -3.78
CA HIS A 285 18.43 -21.20 -3.78
C HIS A 285 18.64 -22.20 -4.91
N HIS A 286 19.03 -21.71 -6.10
CA HIS A 286 19.41 -22.60 -7.20
C HIS A 286 20.63 -23.48 -6.85
N HIS A 287 21.53 -22.95 -6.01
CA HIS A 287 22.65 -23.73 -5.48
C HIS A 287 22.21 -24.55 -4.26
#